data_1Q8M
#
_entry.id   1Q8M
#
_cell.length_a   50.315
_cell.length_b   128.595
_cell.length_c   62.389
_cell.angle_alpha   90.00
_cell.angle_beta   101.69
_cell.angle_gamma   90.00
#
_symmetry.space_group_name_H-M   'P 1 21 1'
#
loop_
_entity.id
_entity.type
_entity.pdbx_description
1 polymer 'triggering receptor expressed on myeloid cells 1'
2 non-polymer 'SULFATE ION'
3 non-polymer GLUTATHIONE
4 water water
#
_entity_poly.entity_id   1
_entity_poly.type   'polypeptide(L)'
_entity_poly.pdbx_seq_one_letter_code
;MELRAATKLTEEKYELKEGQTLDVKCDYTLEKFASSQKAWQIIRDGEMPKTLACTERPSKNSHPVQVGRIILEDYHDHGL
LRVRMVNLQVEDSGLYQCVIYQPPKEPHMLFDRIRLVVTLEHHHHHH
;
_entity_poly.pdbx_strand_id   A,B,C,D
#
loop_
_chem_comp.id
_chem_comp.type
_chem_comp.name
_chem_comp.formula
GSH non-polymer GLUTATHIONE 'C10 H17 N3 O6 S'
SO4 non-polymer 'SULFATE ION' 'O4 S -2'
#
# COMPACT_ATOMS: atom_id res chain seq x y z
N MET A 1 -0.80 -47.97 -10.27
CA MET A 1 -1.92 -47.08 -9.83
C MET A 1 -2.09 -45.87 -10.75
N GLU A 2 -3.34 -45.48 -10.96
CA GLU A 2 -3.68 -44.36 -11.84
C GLU A 2 -3.93 -43.00 -11.18
N LEU A 3 -3.32 -41.97 -11.75
CA LEU A 3 -3.49 -40.60 -11.27
C LEU A 3 -4.12 -39.87 -12.46
N ARG A 4 -5.33 -39.37 -12.27
CA ARG A 4 -6.04 -38.67 -13.35
C ARG A 4 -5.72 -37.19 -13.46
N ALA A 5 -5.99 -36.64 -14.63
CA ALA A 5 -5.81 -35.21 -14.87
C ALA A 5 -7.23 -34.65 -14.81
N ALA A 6 -7.71 -34.43 -13.59
CA ALA A 6 -9.07 -33.93 -13.37
C ALA A 6 -9.08 -32.47 -12.94
N THR A 7 -8.13 -31.69 -13.43
CA THR A 7 -8.06 -30.30 -13.03
C THR A 7 -7.35 -29.39 -14.01
N LYS A 8 -7.80 -28.15 -14.06
CA LYS A 8 -7.21 -27.13 -14.92
C LYS A 8 -7.12 -25.79 -14.20
N LEU A 9 -5.99 -25.09 -14.39
CA LEU A 9 -5.77 -23.77 -13.80
C LEU A 9 -5.59 -22.82 -14.97
N THR A 10 -6.50 -21.88 -15.11
CA THR A 10 -6.45 -20.92 -16.22
C THR A 10 -5.53 -19.75 -15.95
N GLU A 11 -5.30 -18.94 -16.98
CA GLU A 11 -4.44 -17.78 -16.84
C GLU A 11 -5.18 -16.55 -17.31
N GLU A 12 -5.90 -15.90 -16.39
CA GLU A 12 -6.67 -14.71 -16.70
C GLU A 12 -5.79 -13.54 -17.12
N LYS A 13 -5.68 -13.34 -18.43
CA LYS A 13 -4.88 -12.26 -19.01
C LYS A 13 -5.26 -10.90 -18.40
N TYR A 14 -4.27 -10.26 -17.79
CA TYR A 14 -4.46 -8.96 -17.16
C TYR A 14 -3.47 -8.02 -17.82
N GLU A 15 -3.97 -7.02 -18.53
CA GLU A 15 -3.10 -6.09 -19.25
C GLU A 15 -3.09 -4.66 -18.71
N LEU A 16 -1.90 -4.09 -18.64
CA LEU A 16 -1.70 -2.72 -18.17
C LEU A 16 -0.49 -2.14 -18.86
N LYS A 17 -0.30 -0.83 -18.74
CA LYS A 17 0.87 -0.21 -19.35
C LYS A 17 1.89 0.16 -18.28
N GLU A 18 3.15 0.25 -18.68
CA GLU A 18 4.24 0.59 -17.75
C GLU A 18 3.91 1.86 -16.96
N GLY A 19 4.21 1.85 -15.66
CA GLY A 19 3.96 3.01 -14.80
C GLY A 19 2.69 2.83 -13.95
N GLN A 20 1.74 2.10 -14.53
CA GLN A 20 0.44 1.76 -13.99
C GLN A 20 0.58 0.72 -12.85
N THR A 21 -0.45 0.61 -12.01
CA THR A 21 -0.42 -0.33 -10.87
C THR A 21 -1.36 -1.53 -11.01
N LEU A 22 -0.86 -2.71 -10.63
CA LEU A 22 -1.62 -3.95 -10.68
C LEU A 22 -2.43 -4.07 -9.39
N ASP A 23 -3.73 -4.33 -9.51
CA ASP A 23 -4.59 -4.49 -8.34
C ASP A 23 -5.41 -5.76 -8.48
N VAL A 24 -5.15 -6.72 -7.59
CA VAL A 24 -5.85 -8.00 -7.61
C VAL A 24 -6.49 -8.32 -6.26
N LYS A 25 -7.72 -8.82 -6.30
CA LYS A 25 -8.43 -9.19 -5.09
C LYS A 25 -8.61 -10.71 -5.11
N CYS A 26 -8.01 -11.38 -4.15
CA CYS A 26 -8.11 -12.83 -4.07
C CYS A 26 -9.08 -13.24 -2.98
N ASP A 27 -10.35 -13.35 -3.38
CA ASP A 27 -11.44 -13.70 -2.48
C ASP A 27 -11.41 -15.15 -2.00
N TYR A 28 -10.92 -15.38 -0.79
CA TYR A 28 -10.89 -16.73 -0.26
C TYR A 28 -12.14 -16.96 0.55
N THR A 29 -12.92 -15.90 0.70
CA THR A 29 -14.19 -15.89 1.43
C THR A 29 -14.23 -16.71 2.72
N LEU A 30 -14.00 -18.02 2.62
CA LEU A 30 -14.02 -18.86 3.79
C LEU A 30 -13.16 -18.33 4.91
N GLU A 31 -13.79 -17.85 5.98
CA GLU A 31 -13.06 -17.35 7.12
C GLU A 31 -12.22 -18.51 7.63
N LYS A 32 -12.52 -19.70 7.13
CA LYS A 32 -11.79 -20.90 7.49
C LYS A 32 -10.36 -20.87 6.95
N PHE A 33 -9.94 -19.69 6.47
CA PHE A 33 -8.60 -19.49 5.93
C PHE A 33 -7.97 -18.21 6.48
N ALA A 34 -8.76 -17.39 7.14
CA ALA A 34 -8.28 -16.13 7.70
C ALA A 34 -6.92 -16.19 8.38
N SER A 35 -6.76 -17.09 9.33
CA SER A 35 -5.50 -17.21 10.07
C SER A 35 -4.40 -17.88 9.26
N SER A 36 -4.77 -18.44 8.11
CA SER A 36 -3.83 -19.13 7.24
C SER A 36 -2.84 -18.19 6.57
N GLN A 37 -1.61 -18.65 6.42
CA GLN A 37 -0.58 -17.85 5.78
C GLN A 37 -0.84 -17.80 4.28
N LYS A 38 -0.78 -16.60 3.71
CA LYS A 38 -1.02 -16.41 2.29
C LYS A 38 0.15 -15.70 1.62
N ALA A 39 0.26 -15.82 0.29
CA ALA A 39 1.36 -15.18 -0.42
C ALA A 39 1.06 -14.89 -1.87
N TRP A 40 1.92 -14.09 -2.47
CA TRP A 40 1.81 -13.70 -3.88
C TRP A 40 3.06 -14.23 -4.55
N GLN A 41 2.88 -15.02 -5.60
CA GLN A 41 4.05 -15.58 -6.27
C GLN A 41 4.04 -15.50 -7.79
N ILE A 42 5.23 -15.55 -8.35
CA ILE A 42 5.37 -15.54 -9.79
C ILE A 42 5.64 -17.01 -10.12
N ILE A 43 4.93 -17.53 -11.10
CA ILE A 43 5.03 -18.94 -11.47
C ILE A 43 6.07 -19.26 -12.54
N ARG A 44 7.04 -20.09 -12.18
CA ARG A 44 8.07 -20.51 -13.13
C ARG A 44 7.61 -21.82 -13.76
N ASP A 45 8.26 -22.20 -14.86
CA ASP A 45 7.91 -23.40 -15.58
C ASP A 45 7.99 -24.68 -14.74
N GLY A 46 7.02 -25.57 -14.95
CA GLY A 46 6.97 -26.82 -14.21
C GLY A 46 6.17 -26.66 -12.92
N GLU A 47 5.36 -25.61 -12.88
CA GLU A 47 4.53 -25.32 -11.71
C GLU A 47 5.40 -25.03 -10.49
N MET A 48 6.51 -24.33 -10.73
CA MET A 48 7.42 -23.99 -9.64
C MET A 48 7.32 -22.49 -9.36
N PRO A 49 6.59 -22.14 -8.29
CA PRO A 49 6.41 -20.73 -7.92
C PRO A 49 7.53 -20.14 -7.08
N LYS A 50 7.75 -18.84 -7.27
CA LYS A 50 8.75 -18.12 -6.48
C LYS A 50 7.95 -17.10 -5.69
N THR A 51 8.05 -17.19 -4.38
CA THR A 51 7.34 -16.30 -3.48
C THR A 51 7.90 -14.88 -3.51
N LEU A 52 7.02 -13.91 -3.78
CA LEU A 52 7.42 -12.51 -3.85
C LEU A 52 7.10 -11.79 -2.54
N ALA A 53 6.00 -12.17 -1.90
CA ALA A 53 5.58 -11.57 -0.64
C ALA A 53 4.56 -12.48 0.01
N CYS A 54 4.70 -12.68 1.31
CA CYS A 54 3.77 -13.53 2.04
C CYS A 54 3.39 -12.82 3.32
N THR A 55 2.30 -13.27 3.93
CA THR A 55 1.82 -12.70 5.18
C THR A 55 2.53 -13.42 6.32
N GLU A 56 2.28 -12.98 7.55
CA GLU A 56 2.89 -13.65 8.68
C GLU A 56 2.15 -14.97 8.84
N ARG A 57 2.55 -15.75 9.82
CA ARG A 57 1.96 -17.05 10.11
C ARG A 57 1.82 -17.09 11.63
N PRO A 58 0.61 -16.94 12.15
CA PRO A 58 -0.69 -16.73 11.49
C PRO A 58 -0.79 -15.39 10.79
N SER A 59 -1.90 -15.18 10.10
CA SER A 59 -2.13 -13.95 9.37
C SER A 59 -3.15 -13.08 10.11
N LYS A 60 -2.68 -11.97 10.69
CA LYS A 60 -3.58 -11.07 11.40
C LYS A 60 -4.02 -9.89 10.54
N ASN A 61 -5.32 -9.63 10.58
CA ASN A 61 -5.97 -8.56 9.80
C ASN A 61 -5.28 -7.21 9.83
N SER A 62 -5.51 -6.44 8.77
CA SER A 62 -4.98 -5.09 8.60
C SER A 62 -3.51 -4.91 8.94
N HIS A 63 -2.66 -5.72 8.32
CA HIS A 63 -1.22 -5.63 8.52
C HIS A 63 -0.53 -5.76 7.16
N PRO A 64 -0.69 -4.74 6.31
CA PRO A 64 -0.10 -4.72 4.97
C PRO A 64 1.37 -5.11 4.97
N VAL A 65 1.79 -5.80 3.90
CA VAL A 65 3.17 -6.24 3.75
C VAL A 65 3.78 -5.60 2.51
N GLN A 66 4.86 -4.85 2.69
CA GLN A 66 5.52 -4.20 1.58
C GLN A 66 6.85 -4.86 1.28
N VAL A 67 7.02 -5.22 0.01
CA VAL A 67 8.25 -5.82 -0.47
C VAL A 67 8.47 -5.16 -1.81
N GLY A 68 9.45 -4.26 -1.88
CA GLY A 68 9.69 -3.57 -3.14
C GLY A 68 8.42 -2.85 -3.60
N ARG A 69 8.06 -3.04 -4.86
CA ARG A 69 6.87 -2.40 -5.43
C ARG A 69 5.62 -3.23 -5.16
N ILE A 70 5.74 -4.25 -4.31
CA ILE A 70 4.59 -5.11 -3.98
C ILE A 70 3.98 -4.75 -2.63
N ILE A 71 2.65 -4.76 -2.60
CA ILE A 71 1.92 -4.48 -1.37
C ILE A 71 0.91 -5.60 -1.22
N LEU A 72 1.04 -6.37 -0.15
CA LEU A 72 0.15 -7.49 0.11
C LEU A 72 -0.67 -7.18 1.37
N GLU A 73 -1.96 -7.47 1.34
CA GLU A 73 -2.81 -7.22 2.51
C GLU A 73 -3.97 -8.20 2.68
N ASP A 74 -4.07 -8.75 3.89
CA ASP A 74 -5.09 -9.73 4.21
C ASP A 74 -6.27 -9.11 4.97
N TYR A 75 -7.34 -8.77 4.26
CA TYR A 75 -8.53 -8.20 4.90
C TYR A 75 -9.43 -9.33 5.41
N HIS A 76 -9.35 -9.65 6.69
CA HIS A 76 -10.20 -10.73 7.21
C HIS A 76 -11.68 -10.35 7.19
N ASP A 77 -11.97 -9.10 7.53
CA ASP A 77 -13.35 -8.60 7.55
C ASP A 77 -14.11 -8.97 6.28
N HIS A 78 -13.48 -8.85 5.13
CA HIS A 78 -14.14 -9.19 3.87
C HIS A 78 -13.62 -10.52 3.33
N GLY A 79 -12.74 -11.17 4.09
CA GLY A 79 -12.19 -12.43 3.69
C GLY A 79 -11.59 -12.48 2.29
N LEU A 80 -10.61 -11.63 2.05
CA LEU A 80 -9.95 -11.60 0.74
C LEU A 80 -8.52 -11.12 0.91
N LEU A 81 -7.66 -11.55 -0.01
CA LEU A 81 -6.26 -11.15 0.02
C LEU A 81 -6.11 -10.13 -1.11
N ARG A 82 -5.66 -8.94 -0.78
CA ARG A 82 -5.49 -7.92 -1.81
C ARG A 82 -4.02 -7.76 -2.14
N VAL A 83 -3.72 -7.84 -3.42
CA VAL A 83 -2.33 -7.74 -3.88
C VAL A 83 -2.16 -6.55 -4.80
N ARG A 84 -1.00 -5.90 -4.73
CA ARG A 84 -0.74 -4.77 -5.60
C ARG A 84 0.72 -4.67 -5.97
N MET A 85 0.94 -4.29 -7.23
CA MET A 85 2.28 -4.10 -7.75
C MET A 85 2.26 -2.71 -8.36
N VAL A 86 2.98 -1.79 -7.72
CA VAL A 86 3.02 -0.42 -8.18
C VAL A 86 4.10 -0.19 -9.19
N ASN A 87 3.86 0.78 -10.08
CA ASN A 87 4.81 1.16 -11.10
C ASN A 87 5.37 -0.02 -11.89
N LEU A 88 4.46 -0.75 -12.54
CA LEU A 88 4.82 -1.93 -13.34
C LEU A 88 5.81 -1.64 -14.45
N GLN A 89 6.76 -2.56 -14.60
CA GLN A 89 7.75 -2.46 -15.66
C GLN A 89 7.33 -3.53 -16.67
N VAL A 90 7.76 -3.38 -17.91
CA VAL A 90 7.40 -4.36 -18.92
C VAL A 90 7.99 -5.72 -18.55
N GLU A 91 9.13 -5.69 -17.85
CA GLU A 91 9.82 -6.90 -17.41
C GLU A 91 9.01 -7.68 -16.37
N ASP A 92 7.96 -7.06 -15.84
CA ASP A 92 7.12 -7.71 -14.83
C ASP A 92 6.16 -8.73 -15.45
N SER A 93 6.02 -8.67 -16.76
CA SER A 93 5.13 -9.60 -17.46
C SER A 93 5.43 -11.01 -17.01
N GLY A 94 4.39 -11.76 -16.67
CA GLY A 94 4.57 -13.13 -16.22
C GLY A 94 3.30 -13.72 -15.63
N LEU A 95 3.42 -14.97 -15.16
CA LEU A 95 2.29 -15.70 -14.57
C LEU A 95 2.35 -15.58 -13.06
N TYR A 96 1.27 -15.07 -12.47
CA TYR A 96 1.21 -14.91 -11.02
C TYR A 96 0.02 -15.63 -10.41
N GLN A 97 0.06 -15.78 -9.09
CA GLN A 97 -1.04 -16.41 -8.39
C GLN A 97 -0.99 -16.10 -6.90
N CYS A 98 -2.16 -16.07 -6.29
CA CYS A 98 -2.23 -15.88 -4.85
C CYS A 98 -2.18 -17.30 -4.34
N VAL A 99 -1.75 -17.46 -3.10
CA VAL A 99 -1.70 -18.80 -2.53
C VAL A 99 -2.04 -18.78 -1.04
N ILE A 100 -2.80 -19.79 -0.63
CA ILE A 100 -3.15 -19.95 0.76
C ILE A 100 -2.41 -21.18 1.24
N TYR A 101 -1.50 -21.01 2.20
CA TYR A 101 -0.78 -22.14 2.75
C TYR A 101 -1.78 -23.01 3.48
N GLN A 102 -1.92 -24.26 3.05
CA GLN A 102 -2.82 -25.18 3.71
C GLN A 102 -2.13 -26.53 3.89
N PRO A 103 -2.54 -27.30 4.91
CA PRO A 103 -1.98 -28.61 5.24
C PRO A 103 -2.09 -29.71 4.18
N PRO A 104 -1.11 -30.63 4.16
CA PRO A 104 -1.00 -31.76 3.23
C PRO A 104 -2.11 -32.82 3.28
N LYS A 105 -2.68 -33.06 4.45
CA LYS A 105 -3.74 -34.07 4.56
C LYS A 105 -5.12 -33.57 4.16
N GLU A 106 -5.20 -32.34 3.66
CA GLU A 106 -6.49 -31.76 3.26
C GLU A 106 -6.48 -31.28 1.81
N PRO A 107 -7.61 -31.42 1.11
CA PRO A 107 -7.68 -30.97 -0.29
C PRO A 107 -7.33 -29.49 -0.35
N HIS A 108 -6.60 -29.07 -1.39
CA HIS A 108 -6.21 -27.68 -1.50
C HIS A 108 -7.09 -26.81 -2.41
N MET A 109 -7.53 -25.68 -1.87
CA MET A 109 -8.33 -24.76 -2.66
C MET A 109 -7.32 -23.90 -3.41
N LEU A 110 -7.47 -23.83 -4.73
CA LEU A 110 -6.51 -23.10 -5.54
C LEU A 110 -7.07 -21.96 -6.36
N PHE A 111 -6.30 -20.86 -6.39
CA PHE A 111 -6.66 -19.68 -7.15
C PHE A 111 -6.17 -19.88 -8.56
N ASP A 112 -6.88 -19.31 -9.53
CA ASP A 112 -6.42 -19.41 -10.90
C ASP A 112 -5.28 -18.39 -11.01
N ARG A 113 -4.49 -18.50 -12.07
CA ARG A 113 -3.37 -17.60 -12.26
C ARG A 113 -3.75 -16.30 -12.96
N ILE A 114 -2.82 -15.37 -12.92
CA ILE A 114 -2.98 -14.08 -13.56
C ILE A 114 -1.85 -13.94 -14.58
N ARG A 115 -2.21 -13.86 -15.86
CA ARG A 115 -1.18 -13.69 -16.88
C ARG A 115 -1.08 -12.19 -17.10
N LEU A 116 -0.09 -11.59 -16.44
CA LEU A 116 0.13 -10.15 -16.51
C LEU A 116 0.90 -9.73 -17.73
N VAL A 117 0.25 -8.92 -18.56
CA VAL A 117 0.87 -8.41 -19.76
C VAL A 117 1.06 -6.91 -19.61
N VAL A 118 2.31 -6.48 -19.39
CA VAL A 118 2.61 -5.06 -19.22
C VAL A 118 3.14 -4.55 -20.55
N THR A 119 2.52 -3.50 -21.08
CA THR A 119 2.92 -2.96 -22.36
C THR A 119 3.46 -1.53 -22.26
N LEU A 120 3.90 -0.99 -23.40
CA LEU A 120 4.43 0.36 -23.42
C LEU A 120 3.42 1.40 -23.88
N GLU A 121 3.59 2.61 -23.34
CA GLU A 121 2.72 3.73 -23.69
C GLU A 121 3.06 4.16 -25.12
N MET B 1 -8.91 -6.60 -10.42
CA MET B 1 -9.37 -7.96 -10.79
C MET B 1 -9.47 -8.85 -9.56
N GLU B 2 -10.55 -9.64 -9.47
CA GLU B 2 -10.68 -10.55 -8.34
C GLU B 2 -11.01 -11.97 -8.76
N LEU B 3 -10.32 -12.91 -8.14
CA LEU B 3 -10.48 -14.33 -8.41
C LEU B 3 -10.87 -15.04 -7.11
N ARG B 4 -11.23 -16.31 -7.22
CA ARG B 4 -11.60 -17.08 -6.04
C ARG B 4 -10.79 -18.38 -6.01
N ALA B 5 -10.67 -18.98 -4.84
CA ALA B 5 -9.97 -20.24 -4.68
C ALA B 5 -11.04 -21.27 -5.02
N ALA B 6 -11.39 -21.34 -6.30
CA ALA B 6 -12.45 -22.20 -6.77
C ALA B 6 -12.14 -23.62 -7.23
N THR B 7 -10.88 -24.03 -7.21
CA THR B 7 -10.59 -25.38 -7.65
C THR B 7 -9.97 -26.26 -6.56
N LYS B 8 -10.41 -27.51 -6.50
CA LYS B 8 -9.90 -28.47 -5.53
C LYS B 8 -8.76 -29.26 -6.14
N LEU B 9 -7.83 -29.66 -5.29
CA LEU B 9 -6.71 -30.50 -5.69
C LEU B 9 -6.57 -31.43 -4.50
N THR B 10 -7.04 -32.66 -4.68
CA THR B 10 -7.02 -33.64 -3.62
C THR B 10 -5.79 -34.52 -3.52
N GLU B 11 -5.54 -35.00 -2.29
CA GLU B 11 -4.40 -35.87 -2.05
C GLU B 11 -4.82 -37.30 -1.84
N GLU B 12 -4.62 -38.11 -2.85
CA GLU B 12 -4.95 -39.54 -2.81
C GLU B 12 -4.16 -40.25 -1.71
N LYS B 13 -4.78 -40.43 -0.54
CA LYS B 13 -4.10 -41.10 0.55
C LYS B 13 -3.78 -42.55 0.12
N TYR B 14 -2.50 -42.83 -0.08
CA TYR B 14 -2.06 -44.15 -0.51
C TYR B 14 -1.05 -44.74 0.48
N GLU B 15 -1.36 -45.93 0.99
CA GLU B 15 -0.49 -46.59 1.95
C GLU B 15 0.32 -47.74 1.36
N LEU B 16 1.58 -47.80 1.77
CA LEU B 16 2.47 -48.84 1.34
C LEU B 16 3.43 -49.18 2.46
N LYS B 17 3.98 -50.37 2.41
CA LYS B 17 4.91 -50.83 3.42
C LYS B 17 6.34 -50.58 2.98
N GLU B 18 7.18 -50.30 3.96
CA GLU B 18 8.60 -50.07 3.72
C GLU B 18 9.15 -51.23 2.91
N GLY B 19 9.97 -50.92 1.90
CA GLY B 19 10.54 -51.97 1.08
C GLY B 19 9.79 -52.22 -0.21
N GLN B 20 8.52 -51.81 -0.27
CA GLN B 20 7.73 -51.99 -1.47
C GLN B 20 8.11 -50.98 -2.55
N THR B 21 7.48 -51.09 -3.71
CA THR B 21 7.75 -50.17 -4.80
C THR B 21 6.47 -49.49 -5.26
N LEU B 22 6.45 -48.17 -5.18
CA LEU B 22 5.29 -47.39 -5.59
C LEU B 22 5.28 -47.31 -7.12
N ASP B 23 4.20 -47.78 -7.72
CA ASP B 23 4.09 -47.77 -9.17
C ASP B 23 2.93 -46.86 -9.54
N VAL B 24 3.24 -45.75 -10.22
CA VAL B 24 2.20 -44.80 -10.59
C VAL B 24 2.12 -44.49 -12.08
N LYS B 25 0.89 -44.36 -12.56
CA LYS B 25 0.57 -44.06 -13.96
C LYS B 25 -0.08 -42.69 -14.09
N CYS B 26 0.54 -41.77 -14.83
CA CYS B 26 -0.06 -40.45 -15.01
C CYS B 26 -0.58 -40.27 -16.43
N ASP B 27 -1.89 -40.31 -16.55
CA ASP B 27 -2.57 -40.23 -17.82
C ASP B 27 -2.78 -38.85 -18.44
N TYR B 28 -1.81 -38.36 -19.19
CA TYR B 28 -2.00 -37.08 -19.86
C TYR B 28 -2.81 -37.34 -21.15
N THR B 29 -2.74 -38.57 -21.64
CA THR B 29 -3.44 -39.06 -22.83
C THR B 29 -3.35 -38.27 -24.15
N LEU B 30 -3.55 -36.97 -24.11
CA LEU B 30 -3.49 -36.15 -25.32
C LEU B 30 -2.12 -36.09 -26.00
N GLU B 31 -2.09 -36.38 -27.30
CA GLU B 31 -0.85 -36.34 -28.09
C GLU B 31 -0.14 -35.00 -27.93
N LYS B 32 -0.96 -33.98 -27.68
CA LYS B 32 -0.52 -32.62 -27.46
C LYS B 32 0.53 -32.52 -26.35
N PHE B 33 0.52 -33.47 -25.42
CA PHE B 33 1.47 -33.47 -24.29
C PHE B 33 2.61 -34.47 -24.39
N ALA B 34 2.57 -35.31 -25.41
CA ALA B 34 3.58 -36.33 -25.62
C ALA B 34 5.04 -35.86 -25.53
N SER B 35 5.39 -34.77 -26.20
CA SER B 35 6.79 -34.32 -26.16
C SER B 35 7.10 -33.28 -25.10
N SER B 36 6.06 -32.82 -24.40
CA SER B 36 6.26 -31.83 -23.34
C SER B 36 7.12 -32.45 -22.25
N GLN B 37 7.91 -31.60 -21.59
CA GLN B 37 8.75 -32.08 -20.50
C GLN B 37 7.84 -32.42 -19.33
N LYS B 38 8.21 -33.44 -18.55
CA LYS B 38 7.41 -33.86 -17.41
C LYS B 38 8.27 -34.14 -16.18
N ALA B 39 7.65 -34.21 -15.01
CA ALA B 39 8.42 -34.48 -13.80
C ALA B 39 7.63 -35.09 -12.65
N TRP B 40 8.38 -35.60 -11.68
CA TRP B 40 7.82 -36.20 -10.48
C TRP B 40 8.27 -35.26 -9.36
N GLN B 41 7.32 -34.70 -8.64
CA GLN B 41 7.67 -33.76 -7.58
C GLN B 41 7.03 -34.08 -6.24
N ILE B 42 7.69 -33.67 -5.18
CA ILE B 42 7.12 -33.81 -3.85
C ILE B 42 6.74 -32.36 -3.52
N ILE B 43 5.56 -32.16 -2.97
CA ILE B 43 5.12 -30.81 -2.67
C ILE B 43 5.38 -30.36 -1.24
N ARG B 44 5.79 -29.12 -1.08
CA ARG B 44 6.05 -28.54 0.24
C ARG B 44 4.96 -27.50 0.47
N ASP B 45 4.84 -26.99 1.69
CA ASP B 45 3.81 -26.00 2.00
C ASP B 45 3.91 -24.76 1.13
N GLY B 46 2.76 -24.26 0.71
CA GLY B 46 2.74 -23.08 -0.14
C GLY B 46 2.72 -23.44 -1.61
N GLU B 47 2.39 -24.71 -1.90
CA GLU B 47 2.35 -25.18 -3.28
C GLU B 47 3.73 -25.14 -3.95
N MET B 48 4.79 -25.29 -3.17
CA MET B 48 6.15 -25.27 -3.72
C MET B 48 6.74 -26.66 -3.87
N PRO B 49 6.75 -27.17 -5.11
CA PRO B 49 7.29 -28.50 -5.41
C PRO B 49 8.79 -28.64 -5.44
N LYS B 50 9.26 -29.83 -5.13
CA LYS B 50 10.68 -30.12 -5.19
C LYS B 50 10.74 -31.21 -6.26
N THR B 51 11.30 -30.84 -7.41
CA THR B 51 11.43 -31.74 -8.54
C THR B 51 12.39 -32.89 -8.18
N LEU B 52 11.88 -34.12 -8.20
CA LEU B 52 12.69 -35.28 -7.88
C LEU B 52 13.24 -35.92 -9.13
N ALA B 53 12.49 -35.80 -10.22
CA ALA B 53 12.91 -36.35 -11.50
C ALA B 53 12.13 -35.73 -12.66
N CYS B 54 12.83 -35.41 -13.73
CA CYS B 54 12.20 -34.83 -14.91
C CYS B 54 12.74 -35.47 -16.19
N THR B 55 11.91 -35.45 -17.23
CA THR B 55 12.26 -35.99 -18.53
C THR B 55 13.10 -34.95 -19.25
N GLU B 56 13.45 -35.26 -20.49
CA GLU B 56 14.21 -34.34 -21.32
C GLU B 56 13.20 -33.37 -21.91
N ARG B 57 13.69 -32.32 -22.54
CA ARG B 57 12.80 -31.37 -23.21
C ARG B 57 13.40 -31.17 -24.58
N PRO B 58 12.73 -31.70 -25.62
CA PRO B 58 11.47 -32.45 -25.55
C PRO B 58 11.63 -33.81 -24.88
N SER B 59 10.51 -34.47 -24.63
CA SER B 59 10.53 -35.79 -24.01
C SER B 59 10.44 -36.83 -25.12
N LYS B 60 11.44 -37.71 -25.20
CA LYS B 60 11.43 -38.77 -26.21
C LYS B 60 10.83 -40.04 -25.63
N ASN B 61 10.05 -40.75 -26.45
CA ASN B 61 9.39 -41.97 -25.99
C ASN B 61 10.37 -43.03 -25.48
N SER B 62 9.91 -43.81 -24.50
CA SER B 62 10.69 -44.88 -23.90
C SER B 62 12.16 -44.53 -23.64
N HIS B 63 12.39 -43.40 -22.98
CA HIS B 63 13.73 -42.96 -22.62
C HIS B 63 13.75 -42.90 -21.10
N PRO B 64 13.77 -44.07 -20.45
CA PRO B 64 13.79 -44.18 -18.99
C PRO B 64 14.74 -43.19 -18.34
N VAL B 65 14.26 -42.53 -17.31
CA VAL B 65 15.06 -41.58 -16.56
C VAL B 65 15.16 -42.10 -15.14
N GLN B 66 16.39 -42.19 -14.64
CA GLN B 66 16.57 -42.67 -13.29
C GLN B 66 17.40 -41.73 -12.44
N VAL B 67 16.87 -41.42 -11.26
CA VAL B 67 17.57 -40.58 -10.31
C VAL B 67 17.30 -41.24 -8.96
N GLY B 68 18.36 -41.77 -8.35
CA GLY B 68 18.19 -42.44 -7.07
C GLY B 68 17.29 -43.64 -7.23
N ARG B 69 16.30 -43.74 -6.34
CA ARG B 69 15.35 -44.85 -6.37
C ARG B 69 14.11 -44.49 -7.19
N ILE B 70 14.18 -43.37 -7.89
CA ILE B 70 13.04 -42.95 -8.71
C ILE B 70 13.27 -43.26 -10.19
N ILE B 71 12.31 -43.93 -10.79
CA ILE B 71 12.38 -44.28 -12.20
C ILE B 71 11.19 -43.69 -12.93
N LEU B 72 11.49 -42.84 -13.89
CA LEU B 72 10.46 -42.16 -14.66
C LEU B 72 10.51 -42.61 -16.13
N GLU B 73 9.35 -42.84 -16.72
CA GLU B 73 9.25 -43.27 -18.12
C GLU B 73 8.03 -42.69 -18.83
N ASP B 74 8.28 -42.01 -19.94
CA ASP B 74 7.19 -41.43 -20.71
C ASP B 74 6.83 -42.39 -21.84
N TYR B 75 5.62 -42.93 -21.78
CA TYR B 75 5.16 -43.87 -22.81
C TYR B 75 4.25 -43.15 -23.80
N HIS B 76 4.85 -42.49 -24.78
CA HIS B 76 4.09 -41.77 -25.79
C HIS B 76 2.95 -42.62 -26.35
N ASP B 77 3.29 -43.84 -26.76
CA ASP B 77 2.32 -44.77 -27.32
C ASP B 77 1.12 -45.04 -26.43
N HIS B 78 1.20 -44.66 -25.16
CA HIS B 78 0.08 -44.88 -24.23
C HIS B 78 -0.49 -43.58 -23.64
N GLY B 79 0.15 -42.45 -23.94
CA GLY B 79 -0.32 -41.17 -23.40
C GLY B 79 -0.23 -41.20 -21.89
N LEU B 80 0.76 -41.93 -21.40
CA LEU B 80 0.98 -42.10 -19.97
C LEU B 80 2.40 -41.83 -19.54
N LEU B 81 2.54 -41.26 -18.36
CA LEU B 81 3.84 -41.01 -17.78
C LEU B 81 3.86 -41.93 -16.57
N ARG B 82 4.80 -42.87 -16.57
CA ARG B 82 4.91 -43.82 -15.47
C ARG B 82 6.01 -43.43 -14.48
N VAL B 83 5.73 -43.62 -13.20
CA VAL B 83 6.69 -43.28 -12.16
C VAL B 83 6.82 -44.43 -11.16
N ARG B 84 8.06 -44.69 -10.76
CA ARG B 84 8.31 -45.74 -9.81
C ARG B 84 9.30 -45.31 -8.75
N MET B 85 9.00 -45.67 -7.51
CA MET B 85 9.87 -45.40 -6.39
C MET B 85 10.11 -46.77 -5.78
N VAL B 86 11.33 -47.25 -6.00
CA VAL B 86 11.78 -48.56 -5.55
C VAL B 86 12.19 -48.60 -4.07
N ASN B 87 12.06 -49.77 -3.46
CA ASN B 87 12.43 -49.98 -2.06
C ASN B 87 12.08 -48.76 -1.21
N LEU B 88 10.78 -48.56 -1.00
CA LEU B 88 10.27 -47.44 -0.23
C LEU B 88 10.74 -47.37 1.23
N GLN B 89 10.83 -46.15 1.72
CA GLN B 89 11.26 -45.89 3.09
C GLN B 89 10.27 -44.92 3.75
N VAL B 90 10.30 -44.86 5.07
CA VAL B 90 9.36 -43.99 5.77
C VAL B 90 9.51 -42.52 5.40
N GLU B 91 10.73 -42.09 5.15
CA GLU B 91 10.95 -40.70 4.79
C GLU B 91 10.31 -40.31 3.47
N ASP B 92 10.06 -41.31 2.62
CA ASP B 92 9.45 -41.08 1.32
C ASP B 92 8.02 -40.62 1.43
N SER B 93 7.45 -40.69 2.62
CA SER B 93 6.06 -40.26 2.80
C SER B 93 5.97 -38.77 2.48
N GLY B 94 4.89 -38.38 1.83
CA GLY B 94 4.73 -36.98 1.47
C GLY B 94 3.65 -36.79 0.44
N LEU B 95 3.50 -35.56 -0.04
CA LEU B 95 2.50 -35.23 -1.04
C LEU B 95 3.23 -35.18 -2.37
N TYR B 96 2.83 -36.03 -3.31
CA TYR B 96 3.46 -36.08 -4.61
C TYR B 96 2.52 -35.80 -5.77
N GLN B 97 3.10 -35.43 -6.91
CA GLN B 97 2.32 -35.15 -8.10
C GLN B 97 3.16 -35.19 -9.37
N CYS B 98 2.55 -35.64 -10.45
CA CYS B 98 3.21 -35.65 -11.74
C CYS B 98 2.92 -34.24 -12.26
N VAL B 99 3.82 -33.72 -13.09
CA VAL B 99 3.60 -32.41 -13.63
C VAL B 99 4.01 -32.34 -15.09
N ILE B 100 3.22 -31.64 -15.89
CA ILE B 100 3.53 -31.46 -17.29
C ILE B 100 3.87 -29.99 -17.48
N TYR B 101 5.08 -29.71 -17.98
CA TYR B 101 5.51 -28.34 -18.23
C TYR B 101 4.65 -27.77 -19.36
N GLN B 102 3.80 -26.81 -19.03
CA GLN B 102 2.93 -26.20 -20.02
C GLN B 102 3.17 -24.72 -20.22
N PRO B 103 2.86 -24.21 -21.43
CA PRO B 103 3.04 -22.80 -21.78
C PRO B 103 2.06 -21.91 -21.01
N PRO B 104 2.46 -20.68 -20.73
CA PRO B 104 1.70 -19.65 -19.99
C PRO B 104 0.27 -19.28 -20.41
N LYS B 105 -0.01 -19.17 -21.70
CA LYS B 105 -1.36 -18.78 -22.11
C LYS B 105 -2.40 -19.89 -22.06
N GLU B 106 -1.96 -21.13 -22.06
CA GLU B 106 -2.90 -22.24 -22.04
C GLU B 106 -3.32 -22.63 -20.63
N PRO B 107 -4.60 -23.00 -20.46
CA PRO B 107 -4.98 -23.38 -19.11
C PRO B 107 -4.08 -24.58 -18.78
N HIS B 108 -3.46 -24.59 -17.61
CA HIS B 108 -2.59 -25.70 -17.23
C HIS B 108 -3.42 -26.85 -16.69
N MET B 109 -3.17 -28.06 -17.20
CA MET B 109 -3.88 -29.22 -16.72
C MET B 109 -3.08 -29.78 -15.56
N LEU B 110 -3.76 -30.18 -14.49
CA LEU B 110 -3.08 -30.72 -13.30
C LEU B 110 -3.55 -32.12 -12.91
N PHE B 111 -2.59 -32.97 -12.57
CA PHE B 111 -2.87 -34.34 -12.17
C PHE B 111 -3.25 -34.40 -10.71
N ASP B 112 -4.07 -35.38 -10.37
CA ASP B 112 -4.46 -35.56 -8.98
C ASP B 112 -3.17 -35.87 -8.24
N ARG B 113 -3.11 -35.48 -6.98
CA ARG B 113 -1.92 -35.76 -6.18
C ARG B 113 -2.06 -37.06 -5.41
N ILE B 114 -0.95 -37.52 -4.85
CA ILE B 114 -0.94 -38.72 -4.07
C ILE B 114 -0.22 -38.46 -2.75
N ARG B 115 -0.90 -38.74 -1.65
CA ARG B 115 -0.28 -38.56 -0.34
C ARG B 115 0.28 -39.93 0.03
N LEU B 116 1.56 -40.12 -0.26
CA LEU B 116 2.23 -41.39 0.02
C LEU B 116 2.43 -41.55 1.52
N VAL B 117 2.05 -42.71 2.02
CA VAL B 117 2.23 -43.00 3.44
C VAL B 117 2.90 -44.36 3.54
N VAL B 118 4.18 -44.34 3.87
CA VAL B 118 4.97 -45.57 4.00
C VAL B 118 5.11 -45.87 5.48
N THR B 119 4.69 -47.05 5.89
CA THR B 119 4.77 -47.42 7.29
C THR B 119 5.68 -48.61 7.56
N LEU B 120 6.03 -48.79 8.83
CA LEU B 120 6.91 -49.86 9.25
C LEU B 120 6.36 -51.28 9.19
N GLU B 121 7.30 -52.20 8.94
CA GLU B 121 7.05 -53.62 8.81
C GLU B 121 6.49 -54.26 10.08
N MET C 1 -6.25 47.55 8.45
CA MET C 1 -6.47 46.10 8.16
C MET C 1 -6.58 45.31 9.46
N GLU C 2 -7.69 44.58 9.63
CA GLU C 2 -7.91 43.78 10.82
C GLU C 2 -8.23 42.32 10.55
N LEU C 3 -7.43 41.43 11.12
CA LEU C 3 -7.63 39.99 10.96
C LEU C 3 -7.89 39.38 12.33
N ARG C 4 -8.83 38.44 12.38
CA ARG C 4 -9.19 37.78 13.63
C ARG C 4 -9.03 36.28 13.49
N ALA C 5 -8.65 35.60 14.58
CA ALA C 5 -8.50 34.14 14.55
C ALA C 5 -9.86 33.51 14.79
N ALA C 6 -10.74 33.62 13.79
CA ALA C 6 -12.11 33.11 13.87
C ALA C 6 -12.27 31.60 13.72
N THR C 7 -11.55 31.02 12.77
CA THR C 7 -11.67 29.60 12.51
C THR C 7 -10.76 28.71 13.38
N LYS C 8 -11.29 27.54 13.74
CA LYS C 8 -10.56 26.57 14.56
C LYS C 8 -10.39 25.22 13.88
N LEU C 9 -9.24 24.61 14.13
CA LEU C 9 -8.90 23.30 13.58
C LEU C 9 -8.68 22.33 14.74
N THR C 10 -9.52 21.30 14.82
CA THR C 10 -9.40 20.32 15.89
C THR C 10 -8.44 19.18 15.53
N GLU C 11 -7.92 18.52 16.56
CA GLU C 11 -7.01 17.41 16.35
C GLU C 11 -7.46 16.16 17.07
N GLU C 12 -8.45 15.48 16.50
CA GLU C 12 -9.00 14.24 17.06
C GLU C 12 -7.90 13.28 17.49
N LYS C 13 -7.95 12.83 18.74
CA LYS C 13 -6.96 11.88 19.22
C LYS C 13 -7.24 10.49 18.66
N TYR C 14 -6.19 9.78 18.26
CA TYR C 14 -6.34 8.44 17.74
C TYR C 14 -5.24 7.57 18.33
N GLU C 15 -5.65 6.53 19.06
CA GLU C 15 -4.69 5.62 19.69
C GLU C 15 -4.53 4.29 18.98
N LEU C 16 -3.29 3.85 18.85
CA LEU C 16 -2.97 2.58 18.22
C LEU C 16 -1.75 1.98 18.89
N LYS C 17 -1.76 0.67 19.07
CA LYS C 17 -0.64 -0.02 19.69
C LYS C 17 0.51 -0.04 18.69
N GLU C 18 1.74 -0.02 19.20
CA GLU C 18 2.90 -0.06 18.33
C GLU C 18 2.80 -1.30 17.45
N GLY C 19 3.27 -1.20 16.20
CA GLY C 19 3.21 -2.34 15.30
C GLY C 19 1.87 -2.46 14.58
N GLN C 20 0.90 -1.67 15.02
CA GLN C 20 -0.41 -1.68 14.40
C GLN C 20 -0.33 -0.75 13.19
N THR C 21 -1.40 -0.68 12.40
CA THR C 21 -1.40 0.17 11.22
C THR C 21 -2.40 1.32 11.23
N LEU C 22 -1.92 2.53 10.98
CA LEU C 22 -2.79 3.70 10.95
C LEU C 22 -3.46 3.79 9.58
N ASP C 23 -4.79 3.78 9.58
CA ASP C 23 -5.53 3.86 8.33
C ASP C 23 -6.46 5.08 8.35
N VAL C 24 -6.11 6.06 7.55
CA VAL C 24 -6.87 7.31 7.46
C VAL C 24 -7.40 7.59 6.07
N LYS C 25 -8.67 7.98 6.01
CA LYS C 25 -9.29 8.31 4.74
C LYS C 25 -9.80 9.75 4.81
N CYS C 26 -9.20 10.62 4.01
CA CYS C 26 -9.60 12.02 3.95
C CYS C 26 -10.57 12.21 2.80
N ASP C 27 -11.84 12.42 3.14
CA ASP C 27 -12.90 12.60 2.15
C ASP C 27 -13.07 14.02 1.61
N TYR C 28 -12.67 14.23 0.37
CA TYR C 28 -12.80 15.54 -0.27
C TYR C 28 -14.03 15.55 -1.18
N THR C 29 -14.50 14.34 -1.52
CA THR C 29 -15.68 14.11 -2.36
C THR C 29 -15.84 14.91 -3.68
N LEU C 30 -15.68 16.22 -3.63
CA LEU C 30 -15.82 17.02 -4.85
C LEU C 30 -14.82 16.59 -5.91
N GLU C 31 -15.35 16.28 -7.08
CA GLU C 31 -14.54 15.84 -8.20
C GLU C 31 -13.51 16.87 -8.68
N LYS C 32 -13.76 18.14 -8.42
CA LYS C 32 -12.83 19.19 -8.85
C LYS C 32 -11.48 19.11 -8.13
N PHE C 33 -11.41 18.33 -7.05
CA PHE C 33 -10.16 18.19 -6.30
C PHE C 33 -9.37 16.96 -6.75
N ALA C 34 -10.06 16.03 -7.41
CA ALA C 34 -9.44 14.80 -7.86
C ALA C 34 -8.01 14.90 -8.40
N SER C 35 -7.80 15.77 -9.39
CA SER C 35 -6.49 15.91 -10.01
C SER C 35 -5.45 16.77 -9.27
N SER C 36 -5.90 17.58 -8.31
CA SER C 36 -4.95 18.42 -7.59
C SER C 36 -3.98 17.61 -6.73
N GLN C 37 -2.79 18.18 -6.53
CA GLN C 37 -1.76 17.54 -5.74
C GLN C 37 -2.16 17.45 -4.27
N LYS C 38 -1.95 16.27 -3.68
CA LYS C 38 -2.30 16.05 -2.28
C LYS C 38 -1.12 15.52 -1.49
N ALA C 39 -1.10 15.77 -0.19
CA ALA C 39 0.00 15.30 0.65
C ALA C 39 -0.39 14.95 2.09
N TRP C 40 0.47 14.17 2.74
CA TRP C 40 0.29 13.75 4.14
C TRP C 40 1.41 14.47 4.88
N GLN C 41 1.05 15.29 5.86
CA GLN C 41 2.06 16.06 6.60
C GLN C 41 1.99 15.88 8.10
N ILE C 42 3.10 16.15 8.76
CA ILE C 42 3.15 16.10 10.21
C ILE C 42 3.31 17.58 10.55
N ILE C 43 2.56 18.03 11.54
CA ILE C 43 2.58 19.43 11.93
C ILE C 43 3.53 19.79 13.05
N ARG C 44 4.42 20.75 12.79
CA ARG C 44 5.35 21.22 13.81
C ARG C 44 4.79 22.55 14.35
N ASP C 45 5.36 23.05 15.42
CA ASP C 45 4.89 24.31 16.02
C ASP C 45 4.90 25.48 15.02
N GLY C 46 3.89 26.34 15.13
CA GLY C 46 3.77 27.49 14.26
C GLY C 46 3.03 27.15 12.99
N GLU C 47 2.26 26.06 13.04
CA GLU C 47 1.50 25.59 11.89
C GLU C 47 2.46 25.37 10.70
N MET C 48 3.55 24.67 10.97
CA MET C 48 4.54 24.40 9.95
C MET C 48 4.61 22.91 9.63
N PRO C 49 4.01 22.50 8.51
CA PRO C 49 4.04 21.09 8.15
C PRO C 49 5.33 20.60 7.52
N LYS C 50 5.59 19.31 7.70
CA LYS C 50 6.75 18.64 7.12
C LYS C 50 6.05 17.58 6.30
N THR C 51 6.06 17.72 4.99
CA THR C 51 5.38 16.74 4.14
C THR C 51 6.12 15.42 4.16
N LEU C 52 5.41 14.35 4.48
CA LEU C 52 6.01 13.04 4.55
C LEU C 52 5.82 12.25 3.26
N ALA C 53 4.76 12.58 2.52
CA ALA C 53 4.47 11.92 1.26
C ALA C 53 3.43 12.73 0.50
N CYS C 54 3.64 12.86 -0.80
CA CYS C 54 2.71 13.60 -1.65
C CYS C 54 2.43 12.87 -2.97
N THR C 55 1.32 13.21 -3.60
CA THR C 55 0.94 12.62 -4.88
C THR C 55 1.72 13.43 -5.90
N GLU C 56 1.64 13.00 -7.16
CA GLU C 56 2.32 13.74 -8.21
C GLU C 56 1.41 14.92 -8.52
N ARG C 57 1.80 15.72 -9.50
CA ARG C 57 1.03 16.89 -9.90
C ARG C 57 0.91 16.92 -11.41
N PRO C 58 -0.30 16.68 -11.95
CA PRO C 58 -1.55 16.38 -11.24
C PRO C 58 -1.49 15.03 -10.55
N SER C 59 -2.60 14.66 -9.94
CA SER C 59 -2.70 13.39 -9.23
C SER C 59 -3.59 12.45 -10.01
N LYS C 60 -3.01 11.40 -10.57
CA LYS C 60 -3.82 10.45 -11.31
C LYS C 60 -4.21 9.27 -10.43
N ASN C 61 -5.40 8.74 -10.69
CA ASN C 61 -5.98 7.62 -9.95
C ASN C 61 -5.14 6.34 -9.91
N SER C 62 -5.38 5.50 -8.92
CA SER C 62 -4.67 4.23 -8.73
C SER C 62 -3.14 4.29 -8.86
N HIS C 63 -2.54 5.30 -8.23
CA HIS C 63 -1.08 5.46 -8.25
C HIS C 63 -0.55 5.61 -6.83
N PRO C 64 -0.50 4.49 -6.09
CA PRO C 64 -0.02 4.44 -4.71
C PRO C 64 1.38 4.99 -4.55
N VAL C 65 1.59 5.82 -3.55
CA VAL C 65 2.91 6.36 -3.31
C VAL C 65 3.45 5.71 -2.04
N GLN C 66 4.63 5.12 -2.14
CA GLN C 66 5.24 4.46 -1.00
C GLN C 66 6.52 5.19 -0.60
N VAL C 67 6.62 5.55 0.68
CA VAL C 67 7.80 6.20 1.20
C VAL C 67 7.90 5.73 2.63
N GLY C 68 8.88 4.84 2.86
CA GLY C 68 9.07 4.27 4.18
C GLY C 68 7.85 3.39 4.41
N ARG C 69 7.29 3.44 5.61
CA ARG C 69 6.11 2.63 5.88
C ARG C 69 4.83 3.46 5.69
N ILE C 70 4.93 4.48 4.86
CA ILE C 70 3.79 5.34 4.56
C ILE C 70 3.32 5.03 3.14
N ILE C 71 2.05 4.67 3.02
CA ILE C 71 1.42 4.35 1.74
C ILE C 71 0.31 5.36 1.55
N LEU C 72 0.45 6.20 0.51
CA LEU C 72 -0.53 7.22 0.22
C LEU C 72 -1.14 7.03 -1.17
N GLU C 73 -2.46 6.95 -1.22
CA GLU C 73 -3.15 6.77 -2.47
C GLU C 73 -4.41 7.62 -2.60
N ASP C 74 -4.52 8.33 -3.72
CA ASP C 74 -5.67 9.17 -4.01
C ASP C 74 -6.68 8.34 -4.82
N TYR C 75 -7.88 8.18 -4.27
CA TYR C 75 -8.93 7.40 -4.92
C TYR C 75 -9.98 8.29 -5.60
N HIS C 76 -9.70 8.70 -6.84
CA HIS C 76 -10.64 9.57 -7.58
C HIS C 76 -12.05 8.99 -7.61
N ASP C 77 -12.15 7.68 -7.80
CA ASP C 77 -13.43 6.98 -7.84
C ASP C 77 -14.23 7.16 -6.55
N HIS C 78 -13.55 7.06 -5.42
CA HIS C 78 -14.21 7.20 -4.11
C HIS C 78 -14.11 8.64 -3.60
N GLY C 79 -13.37 9.48 -4.33
CA GLY C 79 -13.22 10.87 -3.93
C GLY C 79 -12.54 11.11 -2.59
N LEU C 80 -11.53 10.32 -2.25
CA LEU C 80 -10.84 10.53 -0.99
C LEU C 80 -9.35 10.25 -1.09
N LEU C 81 -8.60 10.76 -0.11
CA LEU C 81 -7.16 10.56 -0.05
C LEU C 81 -6.96 9.50 1.02
N ARG C 82 -6.25 8.44 0.70
CA ARG C 82 -6.03 7.40 1.69
C ARG C 82 -4.57 7.34 2.09
N VAL C 83 -4.34 7.46 3.39
CA VAL C 83 -3.00 7.41 3.95
C VAL C 83 -2.89 6.22 4.89
N ARG C 84 -1.78 5.51 4.81
CA ARG C 84 -1.56 4.35 5.65
C ARG C 84 -0.19 4.47 6.29
N MET C 85 -0.13 4.17 7.59
CA MET C 85 1.13 4.20 8.31
C MET C 85 1.27 2.82 8.95
N VAL C 86 2.05 2.00 8.26
CA VAL C 86 2.32 0.61 8.59
C VAL C 86 3.35 0.39 9.70
N ASN C 87 3.06 -0.57 10.58
CA ASN C 87 3.94 -0.94 11.67
C ASN C 87 4.35 0.27 12.51
N LEU C 88 3.36 0.89 13.15
CA LEU C 88 3.59 2.07 13.96
C LEU C 88 4.59 1.93 15.09
N GLN C 89 5.38 2.98 15.28
CA GLN C 89 6.36 3.05 16.36
C GLN C 89 5.86 4.12 17.30
N VAL C 90 6.37 4.15 18.53
CA VAL C 90 5.94 5.14 19.48
C VAL C 90 6.42 6.54 19.08
N GLU C 91 7.52 6.58 18.34
CA GLU C 91 8.10 7.84 17.89
C GLU C 91 7.25 8.45 16.75
N ASP C 92 6.30 7.68 16.22
CA ASP C 92 5.41 8.17 15.16
C ASP C 92 4.36 9.11 15.72
N SER C 93 4.27 9.18 17.04
CA SER C 93 3.29 10.03 17.69
C SER C 93 3.44 11.47 17.24
N GLY C 94 2.33 12.09 16.87
CA GLY C 94 2.36 13.47 16.41
C GLY C 94 1.02 13.98 15.90
N LEU C 95 1.02 15.22 15.43
CA LEU C 95 -0.19 15.86 14.89
C LEU C 95 -0.06 15.79 13.38
N TYR C 96 -1.03 15.18 12.72
CA TYR C 96 -1.00 15.00 11.26
C TYR C 96 -2.19 15.56 10.50
N GLN C 97 -2.00 15.79 9.20
CA GLN C 97 -3.08 16.27 8.36
C GLN C 97 -2.89 15.95 6.87
N CYS C 98 -4.00 15.76 6.18
CA CYS C 98 -4.00 15.54 4.75
C CYS C 98 -4.10 16.96 4.21
N VAL C 99 -3.47 17.22 3.07
CA VAL C 99 -3.55 18.55 2.51
C VAL C 99 -3.78 18.49 1.02
N ILE C 100 -4.70 19.33 0.55
CA ILE C 100 -4.99 19.41 -0.87
C ILE C 100 -4.44 20.74 -1.37
N TYR C 101 -3.39 20.68 -2.18
CA TYR C 101 -2.79 21.89 -2.73
C TYR C 101 -3.89 22.68 -3.44
N GLN C 102 -3.99 23.97 -3.12
CA GLN C 102 -5.02 24.82 -3.72
C GLN C 102 -4.49 26.18 -4.15
N PRO C 103 -5.10 26.77 -5.20
CA PRO C 103 -4.67 28.09 -5.70
C PRO C 103 -4.78 29.17 -4.64
N PRO C 104 -3.75 30.02 -4.51
CA PRO C 104 -3.70 31.11 -3.53
C PRO C 104 -4.77 32.20 -3.61
N LYS C 105 -5.48 32.32 -4.72
CA LYS C 105 -6.49 33.36 -4.82
C LYS C 105 -7.84 32.92 -4.30
N GLU C 106 -7.92 31.66 -3.86
CA GLU C 106 -9.17 31.12 -3.34
C GLU C 106 -9.08 30.61 -1.91
N PRO C 107 -10.21 30.58 -1.19
CA PRO C 107 -10.22 30.09 0.19
C PRO C 107 -9.85 28.61 0.21
N HIS C 108 -8.94 28.23 1.09
CA HIS C 108 -8.51 26.83 1.16
C HIS C 108 -9.40 25.95 2.03
N MET C 109 -9.72 24.77 1.52
CA MET C 109 -10.52 23.82 2.27
C MET C 109 -9.52 23.05 3.13
N LEU C 110 -9.82 22.88 4.41
CA LEU C 110 -8.89 22.16 5.28
C LEU C 110 -9.51 20.99 6.01
N PHE C 111 -8.78 19.89 6.07
CA PHE C 111 -9.25 18.70 6.77
C PHE C 111 -8.89 18.83 8.26
N ASP C 112 -9.68 18.22 9.13
CA ASP C 112 -9.37 18.27 10.56
C ASP C 112 -8.15 17.39 10.75
N ARG C 113 -7.34 17.71 11.74
CA ARG C 113 -6.12 16.95 12.00
C ARG C 113 -6.27 15.61 12.72
N ILE C 114 -5.17 14.89 12.83
CA ILE C 114 -5.14 13.58 13.48
C ILE C 114 -4.06 13.60 14.54
N ARG C 115 -4.46 13.51 15.80
CA ARG C 115 -3.47 13.49 16.87
C ARG C 115 -3.18 12.03 17.16
N LEU C 116 -2.24 11.48 16.40
CA LEU C 116 -1.85 10.09 16.54
C LEU C 116 -1.03 9.84 17.77
N VAL C 117 -1.51 8.92 18.59
CA VAL C 117 -0.82 8.53 19.81
C VAL C 117 -0.55 7.02 19.73
N VAL C 118 0.72 6.65 19.57
CA VAL C 118 1.09 5.24 19.51
C VAL C 118 1.45 4.78 20.92
N THR C 119 0.73 3.79 21.43
CA THR C 119 0.98 3.29 22.77
C THR C 119 1.72 1.97 22.76
N LEU C 120 2.45 1.68 23.83
CA LEU C 120 3.17 0.43 23.88
C LEU C 120 2.24 -0.77 24.09
N GLU C 121 2.71 -1.90 23.58
CA GLU C 121 2.02 -3.19 23.55
C GLU C 121 1.91 -4.02 24.84
N MET D 1 -10.70 5.40 10.41
CA MET D 1 -10.45 6.87 10.51
C MET D 1 -10.83 7.60 9.22
N GLU D 2 -11.97 8.26 9.21
CA GLU D 2 -12.40 9.00 8.03
C GLU D 2 -12.67 10.47 8.31
N LEU D 3 -11.63 11.29 8.16
CA LEU D 3 -11.73 12.73 8.38
C LEU D 3 -12.36 13.43 7.20
N ARG D 4 -13.14 14.47 7.48
CA ARG D 4 -13.78 15.26 6.44
C ARG D 4 -13.35 16.70 6.66
N ALA D 5 -13.54 17.52 5.63
CA ALA D 5 -13.18 18.92 5.70
C ALA D 5 -14.41 19.72 6.11
N ALA D 6 -14.31 20.44 7.23
CA ALA D 6 -15.43 21.24 7.73
C ALA D 6 -15.02 22.68 7.99
N THR D 7 -13.93 23.11 7.39
CA THR D 7 -13.47 24.48 7.54
C THR D 7 -12.82 25.01 6.25
N LYS D 8 -12.93 26.32 6.03
CA LYS D 8 -12.31 26.96 4.86
C LYS D 8 -11.57 28.19 5.38
N LEU D 9 -10.32 28.36 4.98
CA LEU D 9 -9.56 29.54 5.40
C LEU D 9 -9.70 30.60 4.33
N THR D 10 -10.39 31.68 4.66
CA THR D 10 -10.64 32.79 3.73
C THR D 10 -9.51 33.81 3.61
N GLU D 11 -9.20 34.19 2.37
CA GLU D 11 -8.13 35.15 2.14
C GLU D 11 -8.42 36.45 1.42
N GLU D 12 -8.45 37.49 2.24
CA GLU D 12 -8.69 38.89 1.92
C GLU D 12 -7.74 39.50 0.90
N LYS D 13 -8.24 39.97 -0.25
CA LYS D 13 -7.33 40.61 -1.19
C LYS D 13 -7.12 42.04 -0.73
N TYR D 14 -5.85 42.43 -0.52
CA TYR D 14 -5.54 43.78 -0.04
C TYR D 14 -4.54 44.46 -0.98
N GLU D 15 -4.97 45.54 -1.63
CA GLU D 15 -4.09 46.25 -2.56
C GLU D 15 -3.46 47.50 -1.99
N LEU D 16 -2.15 47.63 -2.21
CA LEU D 16 -1.41 48.80 -1.76
C LEU D 16 -0.42 49.20 -2.85
N LYS D 17 0.08 50.42 -2.76
CA LYS D 17 1.03 50.92 -3.73
C LYS D 17 2.46 50.82 -3.22
N GLU D 18 3.41 50.73 -4.14
CA GLU D 18 4.80 50.63 -3.75
C GLU D 18 5.14 51.81 -2.85
N GLY D 19 5.94 51.57 -1.83
CA GLY D 19 6.32 52.64 -0.94
C GLY D 19 5.44 52.83 0.28
N GLN D 20 4.19 52.37 0.24
CA GLN D 20 3.37 52.54 1.42
C GLN D 20 3.59 51.42 2.43
N THR D 21 2.95 51.54 3.59
CA THR D 21 3.15 50.57 4.66
C THR D 21 1.93 49.75 5.03
N LEU D 22 2.07 48.44 4.92
CA LEU D 22 0.98 47.54 5.28
C LEU D 22 0.91 47.53 6.81
N ASP D 23 -0.22 47.96 7.36
CA ASP D 23 -0.42 48.00 8.80
C ASP D 23 -1.55 47.05 9.15
N VAL D 24 -1.21 45.89 9.71
CA VAL D 24 -2.22 44.93 10.07
C VAL D 24 -2.32 44.71 11.57
N LYS D 25 -3.55 44.63 12.06
CA LYS D 25 -3.78 44.39 13.46
C LYS D 25 -4.40 43.00 13.53
N CYS D 26 -3.66 42.05 14.07
CA CYS D 26 -4.19 40.70 14.20
C CYS D 26 -4.79 40.53 15.60
N ASP D 27 -6.12 40.49 15.64
CA ASP D 27 -6.87 40.36 16.89
C ASP D 27 -7.05 38.92 17.38
N TYR D 28 -6.23 38.53 18.34
CA TYR D 28 -6.33 37.18 18.91
C TYR D 28 -7.20 37.25 20.15
N THR D 29 -7.49 38.47 20.57
CA THR D 29 -8.32 38.78 21.73
C THR D 29 -8.16 37.88 22.96
N LEU D 30 -8.61 36.63 22.87
CA LEU D 30 -8.51 35.72 24.00
C LEU D 30 -7.22 35.93 24.78
N GLU D 31 -7.36 36.25 26.07
CA GLU D 31 -6.23 36.49 26.96
C GLU D 31 -5.29 35.29 27.03
N LYS D 32 -5.86 34.11 26.81
CA LYS D 32 -5.13 32.85 26.81
C LYS D 32 -3.87 32.91 25.96
N PHE D 33 -3.90 33.68 24.89
CA PHE D 33 -2.77 33.79 23.97
C PHE D 33 -1.77 34.92 24.17
N ALA D 34 -2.04 35.83 25.10
CA ALA D 34 -1.16 36.95 25.35
C ALA D 34 0.33 36.57 25.43
N SER D 35 0.68 35.68 26.36
CA SER D 35 2.07 35.29 26.53
C SER D 35 2.57 34.32 25.46
N SER D 36 1.63 33.78 24.67
CA SER D 36 1.97 32.84 23.62
C SER D 36 2.84 33.45 22.52
N GLN D 37 3.75 32.66 21.99
CA GLN D 37 4.62 33.11 20.91
C GLN D 37 3.79 33.26 19.64
N LYS D 38 4.06 34.33 18.90
CA LYS D 38 3.33 34.62 17.67
C LYS D 38 4.30 34.98 16.55
N ALA D 39 3.81 34.98 15.33
CA ALA D 39 4.66 35.31 14.19
C ALA D 39 3.87 35.70 12.94
N TRP D 40 4.60 36.29 11.99
CA TRP D 40 4.06 36.75 10.71
C TRP D 40 4.67 35.84 9.67
N GLN D 41 3.84 35.25 8.81
CA GLN D 41 4.36 34.33 7.78
C GLN D 41 3.78 34.52 6.38
N ILE D 42 4.54 34.07 5.39
CA ILE D 42 4.08 34.14 4.01
C ILE D 42 3.84 32.67 3.64
N ILE D 43 2.68 32.38 3.06
CA ILE D 43 2.33 31.01 2.71
C ILE D 43 2.67 30.56 1.28
N ARG D 44 3.34 29.41 1.17
CA ARG D 44 3.73 28.82 -0.11
C ARG D 44 2.77 27.66 -0.39
N ASP D 45 2.89 27.04 -1.56
CA ASP D 45 2.00 25.93 -1.90
C ASP D 45 1.98 24.82 -0.85
N GLY D 46 0.80 24.23 -0.67
CA GLY D 46 0.67 23.15 0.28
C GLY D 46 0.61 23.57 1.74
N GLU D 47 0.10 24.76 1.99
CA GLU D 47 -0.03 25.28 3.35
C GLU D 47 1.32 25.32 4.07
N MET D 48 2.37 25.63 3.32
CA MET D 48 3.71 25.69 3.88
C MET D 48 4.20 27.10 4.09
N PRO D 49 4.12 27.58 5.33
CA PRO D 49 4.55 28.93 5.68
C PRO D 49 6.04 29.13 5.88
N LYS D 50 6.47 30.36 5.61
CA LYS D 50 7.85 30.76 5.84
C LYS D 50 7.64 31.90 6.82
N THR D 51 8.13 31.65 8.02
CA THR D 51 8.06 32.57 9.13
C THR D 51 8.98 33.76 8.89
N LEU D 52 8.40 34.95 8.72
CA LEU D 52 9.21 36.13 8.44
C LEU D 52 9.67 36.85 9.69
N ALA D 53 8.93 36.68 10.78
CA ALA D 53 9.29 37.32 12.04
C ALA D 53 8.42 36.73 13.15
N CYS D 54 9.02 36.54 14.32
CA CYS D 54 8.29 35.99 15.46
C CYS D 54 8.63 36.73 16.75
N THR D 55 7.66 36.79 17.66
CA THR D 55 7.89 37.41 18.95
C THR D 55 8.75 36.39 19.70
N GLU D 56 9.20 36.74 20.90
CA GLU D 56 9.99 35.80 21.68
C GLU D 56 8.98 34.91 22.37
N ARG D 57 9.45 33.88 23.05
CA ARG D 57 8.58 32.99 23.80
C ARG D 57 9.10 32.99 25.25
N PRO D 58 8.28 33.47 26.20
CA PRO D 58 6.93 33.99 25.96
C PRO D 58 7.01 35.34 25.26
N SER D 59 5.85 35.86 24.86
CA SER D 59 5.77 37.15 24.20
C SER D 59 5.61 38.24 25.25
N LYS D 60 6.61 39.13 25.36
CA LYS D 60 6.54 40.21 26.34
C LYS D 60 5.91 41.45 25.73
N ASN D 61 4.91 41.98 26.42
CA ASN D 61 4.16 43.15 25.96
C ASN D 61 4.97 44.27 25.35
N SER D 62 4.49 44.77 24.22
CA SER D 62 5.12 45.88 23.49
C SER D 62 6.64 45.81 23.45
N HIS D 63 7.17 44.72 22.90
CA HIS D 63 8.60 44.54 22.76
C HIS D 63 8.90 44.44 21.29
N PRO D 64 8.81 45.57 20.57
CA PRO D 64 9.05 45.70 19.13
C PRO D 64 10.03 44.71 18.54
N VAL D 65 9.53 43.88 17.63
CA VAL D 65 10.38 42.92 16.96
C VAL D 65 10.59 43.45 15.57
N GLN D 66 11.83 43.81 15.27
CA GLN D 66 12.14 44.33 13.95
C GLN D 66 13.13 43.47 13.20
N VAL D 67 12.78 43.14 11.96
CA VAL D 67 13.63 42.35 11.09
C VAL D 67 13.32 42.82 9.68
N GLY D 68 14.33 43.33 8.99
CA GLY D 68 14.11 43.87 7.65
C GLY D 68 13.15 45.03 7.86
N ARG D 69 12.14 45.14 7.00
CA ARG D 69 11.18 46.22 7.20
C ARG D 69 9.86 45.69 7.75
N ILE D 70 9.97 44.60 8.52
CA ILE D 70 8.82 44.00 9.17
C ILE D 70 8.88 44.37 10.64
N ILE D 71 7.79 44.91 11.16
CA ILE D 71 7.73 45.30 12.57
C ILE D 71 6.59 44.57 13.28
N LEU D 72 6.90 43.97 14.40
CA LEU D 72 5.91 43.24 15.19
C LEU D 72 5.80 43.85 16.56
N GLU D 73 4.58 44.14 16.98
CA GLU D 73 4.35 44.70 18.30
C GLU D 73 3.15 44.00 18.88
N ASP D 74 3.38 43.21 19.91
CA ASP D 74 2.31 42.46 20.55
C ASP D 74 1.73 43.26 21.73
N TYR D 75 0.47 43.66 21.61
CA TYR D 75 -0.19 44.43 22.65
C TYR D 75 -1.10 43.57 23.51
N HIS D 76 -0.53 43.00 24.57
CA HIS D 76 -1.30 42.15 25.48
C HIS D 76 -2.57 42.88 25.90
N ASP D 77 -2.39 44.10 26.37
CA ASP D 77 -3.47 44.96 26.82
C ASP D 77 -4.69 44.94 25.91
N HIS D 78 -4.49 45.20 24.62
CA HIS D 78 -5.61 45.20 23.66
C HIS D 78 -5.87 43.82 23.07
N GLY D 79 -4.96 42.88 23.29
CA GLY D 79 -5.15 41.54 22.77
C GLY D 79 -5.02 41.41 21.26
N LEU D 80 -4.03 42.09 20.70
CA LEU D 80 -3.82 42.02 19.26
C LEU D 80 -2.34 42.17 18.94
N LEU D 81 -1.92 41.55 17.85
CA LEU D 81 -0.53 41.62 17.40
C LEU D 81 -0.53 42.58 16.22
N ARG D 82 0.26 43.65 16.30
CA ARG D 82 0.31 44.62 15.21
C ARG D 82 1.47 44.25 14.29
N VAL D 83 1.15 44.07 13.01
CA VAL D 83 2.16 43.75 12.01
C VAL D 83 2.23 44.86 11.00
N ARG D 84 3.44 45.35 10.77
CA ARG D 84 3.66 46.40 9.79
C ARG D 84 4.78 46.01 8.83
N MET D 85 4.53 46.25 7.54
CA MET D 85 5.55 46.00 6.53
C MET D 85 5.76 47.36 5.90
N VAL D 86 6.90 47.92 6.24
CA VAL D 86 7.32 49.24 5.81
C VAL D 86 7.88 49.29 4.39
N ASN D 87 7.59 50.40 3.71
CA ASN D 87 8.07 50.65 2.35
C ASN D 87 7.87 49.44 1.44
N LEU D 88 6.60 49.14 1.14
CA LEU D 88 6.26 47.99 0.32
C LEU D 88 6.88 47.98 -1.07
N GLN D 89 7.26 46.78 -1.50
CA GLN D 89 7.87 46.56 -2.81
C GLN D 89 6.99 45.54 -3.57
N VAL D 90 6.98 45.63 -4.89
CA VAL D 90 6.17 44.73 -5.69
C VAL D 90 6.34 43.27 -5.31
N GLU D 91 7.55 42.87 -4.97
CA GLU D 91 7.81 41.48 -4.60
C GLU D 91 7.28 41.09 -3.22
N ASP D 92 6.80 42.06 -2.45
CA ASP D 92 6.26 41.76 -1.14
C ASP D 92 4.90 41.10 -1.31
N SER D 93 4.36 41.23 -2.51
CA SER D 93 3.07 40.63 -2.81
C SER D 93 3.11 39.15 -2.46
N GLY D 94 2.01 38.64 -1.91
CA GLY D 94 1.95 37.24 -1.52
C GLY D 94 0.80 36.96 -0.57
N LEU D 95 0.69 35.72 -0.13
CA LEU D 95 -0.36 35.31 0.80
C LEU D 95 0.27 35.31 2.18
N TYR D 96 -0.30 36.09 3.09
CA TYR D 96 0.25 36.18 4.44
C TYR D 96 -0.72 35.77 5.53
N GLN D 97 -0.17 35.55 6.73
CA GLN D 97 -0.99 35.20 7.86
C GLN D 97 -0.25 35.41 9.16
N CYS D 98 -1.01 35.73 10.20
CA CYS D 98 -0.46 35.88 11.54
C CYS D 98 -0.57 34.47 12.12
N VAL D 99 0.22 34.16 13.13
CA VAL D 99 0.13 32.83 13.72
C VAL D 99 0.45 32.79 15.20
N ILE D 100 -0.34 32.03 15.93
CA ILE D 100 -0.16 31.85 17.36
C ILE D 100 0.33 30.42 17.57
N TYR D 101 1.51 30.27 18.16
CA TYR D 101 2.03 28.94 18.43
C TYR D 101 1.14 28.34 19.50
N GLN D 102 0.54 27.20 19.19
CA GLN D 102 -0.35 26.54 20.12
C GLN D 102 0.04 25.09 20.39
N PRO D 103 -0.30 24.60 21.59
CA PRO D 103 0.02 23.22 21.97
C PRO D 103 -0.77 22.25 21.09
N PRO D 104 -0.17 21.11 20.75
CA PRO D 104 -0.75 20.06 19.91
C PRO D 104 -2.07 19.42 20.36
N LYS D 105 -2.33 19.42 21.67
CA LYS D 105 -3.54 18.80 22.18
C LYS D 105 -4.82 19.62 22.11
N GLU D 106 -4.69 20.94 21.95
CA GLU D 106 -5.88 21.77 21.90
C GLU D 106 -6.26 22.19 20.50
N PRO D 107 -7.52 22.61 20.30
CA PRO D 107 -7.94 23.04 18.96
C PRO D 107 -7.13 24.28 18.58
N HIS D 108 -6.79 24.42 17.31
CA HIS D 108 -6.02 25.58 16.92
C HIS D 108 -6.90 26.69 16.34
N MET D 109 -6.65 27.91 16.82
CA MET D 109 -7.38 29.08 16.37
C MET D 109 -6.58 29.65 15.21
N LEU D 110 -7.18 29.74 14.03
CA LEU D 110 -6.47 30.24 12.86
C LEU D 110 -6.94 31.58 12.35
N PHE D 111 -5.97 32.41 11.97
CA PHE D 111 -6.25 33.73 11.42
C PHE D 111 -6.57 33.62 9.95
N ASP D 112 -7.43 34.51 9.45
CA ASP D 112 -7.74 34.50 8.04
C ASP D 112 -6.51 35.12 7.37
N ARG D 113 -6.24 34.72 6.13
CA ARG D 113 -5.08 35.22 5.42
C ARG D 113 -5.25 36.50 4.66
N ILE D 114 -4.13 37.16 4.39
CA ILE D 114 -4.14 38.39 3.64
C ILE D 114 -3.46 38.11 2.31
N ARG D 115 -4.12 38.48 1.22
CA ARG D 115 -3.53 38.31 -0.10
C ARG D 115 -3.08 39.73 -0.45
N LEU D 116 -1.81 40.00 -0.17
CA LEU D 116 -1.25 41.30 -0.42
C LEU D 116 -0.85 41.46 -1.89
N VAL D 117 -1.33 42.54 -2.50
CA VAL D 117 -0.98 42.83 -3.88
C VAL D 117 -0.42 44.25 -3.96
N VAL D 118 0.91 44.33 -4.11
CA VAL D 118 1.59 45.60 -4.20
C VAL D 118 1.78 45.97 -5.67
N THR D 119 1.28 47.14 -6.06
CA THR D 119 1.43 47.59 -7.45
C THR D 119 2.21 48.89 -7.51
N LEU D 120 2.74 49.16 -8.71
CA LEU D 120 3.52 50.37 -8.97
C LEU D 120 2.61 51.59 -9.09
N GLU D 121 3.19 52.78 -8.89
CA GLU D 121 2.45 54.04 -8.97
C GLU D 121 2.23 54.49 -10.41
S SO4 E . -2.75 -12.91 -26.00
O1 SO4 E . -2.09 -13.02 -24.69
O2 SO4 E . -3.67 -14.04 -26.19
O3 SO4 E . -1.72 -12.93 -27.05
O4 SO4 E . -3.50 -11.65 -26.06
S SO4 F . 11.99 -3.62 -8.08
O1 SO4 F . 12.44 -3.97 -6.72
O2 SO4 F . 11.01 -4.61 -8.54
O3 SO4 F . 13.15 -3.63 -9.01
O4 SO4 F . 11.39 -2.27 -8.07
S SO4 G . -8.23 -26.35 -23.28
O1 SO4 G . -7.62 -26.47 -21.94
O2 SO4 G . -9.17 -27.47 -23.50
O3 SO4 G . -7.19 -26.37 -24.30
O4 SO4 G . -8.98 -25.07 -23.35
N1 GSH H . 9.26 -16.70 0.33
CA1 GSH H . 10.37 -17.63 0.49
C1 GSH H . 11.75 -17.03 0.54
O11 GSH H . 12.53 -17.13 1.52
O12 GSH H . 11.88 -16.19 -0.47
CB1 GSH H . 9.56 -18.97 0.38
CG1 GSH H . 9.69 -19.55 1.84
CD1 GSH H . 8.50 -18.96 2.61
OE1 GSH H . 7.31 -19.15 2.72
N2 GSH H . 9.19 -17.86 3.16
CA2 GSH H . 8.86 -16.68 3.95
C2 GSH H . 8.36 -17.08 5.38
O2 GSH H . 8.93 -16.67 6.36
CB2 GSH H . 7.87 -16.02 3.04
SG2 GSH H . 8.04 -14.41 2.23
N3 GSH H . 7.52 -18.16 5.40
CA3 GSH H . 7.70 -19.31 6.32
C3 GSH H . 6.71 -20.45 6.15
O31 GSH H . 7.38 -21.50 6.08
O32 GSH H . 5.56 -20.40 5.76
S SO4 I . 4.42 -15.71 -26.94
O1 SO4 I . 4.91 -16.60 -25.88
O2 SO4 I . 3.80 -16.52 -28.00
O3 SO4 I . 5.54 -14.92 -27.49
O4 SO4 I . 3.41 -14.77 -26.40
S SO4 J . -4.44 -39.86 8.00
O1 SO4 J . -3.77 -38.98 7.03
O2 SO4 J . -5.89 -39.66 7.90
O3 SO4 J . -3.97 -39.52 9.36
O4 SO4 J . -4.11 -41.27 7.70
S SO4 K . -4.67 13.04 25.98
O1 SO4 K . -3.95 13.36 24.75
O2 SO4 K . -5.72 14.05 26.22
O3 SO4 K . -3.70 13.06 27.10
O4 SO4 K . -5.27 11.71 25.85
S SO4 L . 10.80 4.59 9.05
O1 SO4 L . 11.07 4.17 10.44
O2 SO4 L . 10.05 3.53 8.34
O3 SO4 L . 12.08 4.84 8.35
O4 SO4 L . 9.99 5.83 9.05
S SO4 M . 1.95 14.59 26.32
O1 SO4 M . 2.20 15.53 25.22
O2 SO4 M . 1.30 15.32 27.44
O3 SO4 M . 3.23 14.01 26.79
O4 SO4 M . 1.07 13.51 25.86
S SO4 N . -7.89 38.93 -8.44
O1 SO4 N . -7.28 37.83 -7.70
O2 SO4 N . -9.37 38.80 -8.38
O3 SO4 N . -7.44 38.89 -9.84
O4 SO4 N . -7.50 40.22 -7.84
S SO4 O . 12.72 30.33 1.41
O1 SO4 O . 13.16 30.01 2.78
O2 SO4 O . 11.73 29.33 0.96
O3 SO4 O . 13.88 30.29 0.51
O4 SO4 O . 12.12 31.66 1.37
#